data_1N6V
#
_entry.id   1N6V
#
_entity_poly.entity_id   1
_entity_poly.type   'polypeptide(L)'
_entity_poly.pdbx_seq_one_letter_code
;SYDSPDYTDESCTFKISLRNFRSILSWELKNHSIVPTHYTLLYTIMSKPEDLKVVKNCANTTRSFCDLTDEWRSTHEAYV
TVLEGFSGNTTLFSCSHNFWLAIDMSFEPPEFEIVGFTNHINVMVKFPSIVEEELQFDLSLVIEEQSEGIVKKHKPEIKG
NMSGNFTYIIDKLIPNTNYCVSVYLEHSDEQAVIKSPLKCTLLPPGQESEFS
;
_entity_poly.pdbx_strand_id   A
#
# COMPACT_ATOMS: atom_id res chain seq x y z
N SER A 1 1.55 5.26 -32.88
CA SER A 1 1.83 6.61 -33.44
C SER A 1 0.81 7.64 -32.98
N TYR A 2 1.02 8.19 -31.79
CA TYR A 2 0.11 9.18 -31.24
C TYR A 2 0.83 10.09 -30.25
N ASP A 3 0.19 11.20 -29.90
CA ASP A 3 0.77 12.18 -28.96
C ASP A 3 2.23 12.46 -29.28
N SER A 4 2.91 13.16 -28.37
CA SER A 4 4.31 13.50 -28.57
C SER A 4 5.20 12.27 -28.41
N PRO A 5 6.47 12.37 -28.84
CA PRO A 5 7.43 11.26 -28.74
C PRO A 5 7.48 10.67 -27.33
N ASP A 6 7.68 9.35 -27.26
CA ASP A 6 7.76 8.67 -25.98
C ASP A 6 9.04 9.04 -25.23
N TYR A 7 8.94 10.03 -24.35
CA TYR A 7 10.09 10.47 -23.58
C TYR A 7 10.51 9.42 -22.56
N THR A 8 11.12 8.35 -23.05
CA THR A 8 11.58 7.26 -22.19
C THR A 8 13.00 7.52 -21.70
N ASP A 9 13.22 8.70 -21.14
CA ASP A 9 14.54 9.08 -20.63
C ASP A 9 14.43 9.73 -19.26
N GLU A 10 13.26 9.62 -18.63
CA GLU A 10 13.05 10.20 -17.32
C GLU A 10 11.59 10.04 -16.87
N SER A 11 11.15 8.80 -16.71
CA SER A 11 9.78 8.53 -16.28
C SER A 11 9.44 9.34 -15.04
N CYS A 12 10.47 9.64 -14.28
CA CYS A 12 10.35 10.43 -13.05
C CYS A 12 9.09 10.10 -12.26
N THR A 13 8.71 8.85 -12.31
CA THR A 13 7.52 8.37 -11.60
C THR A 13 7.91 7.72 -10.28
N PHE A 14 7.30 8.17 -9.20
CA PHE A 14 7.59 7.63 -7.87
C PHE A 14 6.36 6.97 -7.26
N LYS A 15 6.59 5.98 -6.43
CA LYS A 15 5.50 5.26 -5.76
C LYS A 15 5.84 5.05 -4.30
N ILE A 16 4.84 5.15 -3.45
CA ILE A 16 5.04 4.94 -2.03
C ILE A 16 4.24 3.74 -1.55
N SER A 17 4.87 2.94 -0.70
CA SER A 17 4.20 1.75 -0.18
C SER A 17 4.29 1.67 1.34
N LEU A 18 3.21 1.25 1.97
CA LEU A 18 3.16 1.14 3.44
C LEU A 18 3.26 -0.31 3.90
N ARG A 19 4.45 -0.70 4.36
CA ARG A 19 4.68 -2.06 4.85
C ARG A 19 4.66 -2.05 6.38
N ASN A 20 3.67 -2.72 6.97
CA ASN A 20 3.56 -2.75 8.43
C ASN A 20 3.50 -1.32 8.94
N PHE A 21 2.67 -0.51 8.29
CA PHE A 21 2.50 0.90 8.61
C PHE A 21 3.84 1.63 8.60
N ARG A 22 4.71 1.23 7.68
CA ARG A 22 6.00 1.87 7.51
C ARG A 22 6.03 2.46 6.11
N SER A 23 6.48 3.70 5.98
CA SER A 23 6.49 4.33 4.69
C SER A 23 7.78 4.03 3.93
N ILE A 24 7.64 3.79 2.65
CA ILE A 24 8.77 3.53 1.76
C ILE A 24 8.42 4.07 0.39
N LEU A 25 9.19 5.01 -0.08
CA LEU A 25 8.92 5.59 -1.37
C LEU A 25 10.03 5.27 -2.34
N SER A 26 9.63 5.01 -3.57
CA SER A 26 10.57 4.67 -4.61
C SER A 26 10.45 5.63 -5.79
N TRP A 27 11.26 5.36 -6.81
CA TRP A 27 11.27 6.19 -8.01
C TRP A 27 11.45 5.36 -9.26
N GLU A 28 11.03 5.93 -10.37
CA GLU A 28 11.12 5.28 -11.67
C GLU A 28 11.69 6.22 -12.69
N LEU A 29 13.00 6.38 -12.67
CA LEU A 29 13.65 7.21 -13.64
C LEU A 29 14.22 6.32 -14.73
N LYS A 30 13.50 6.27 -15.83
CA LYS A 30 13.89 5.44 -16.97
C LYS A 30 15.26 5.85 -17.51
N ASN A 31 15.90 4.92 -18.22
CA ASN A 31 17.22 5.16 -18.79
C ASN A 31 17.15 5.14 -20.32
N HIS A 32 17.69 6.19 -20.94
CA HIS A 32 17.69 6.29 -22.39
C HIS A 32 19.12 6.40 -22.93
N SER A 33 19.76 7.54 -22.68
CA SER A 33 21.12 7.77 -23.13
C SER A 33 22.11 7.57 -21.99
N ILE A 34 22.07 8.46 -21.00
CA ILE A 34 22.95 8.38 -19.85
C ILE A 34 22.45 7.32 -18.87
N VAL A 35 23.37 6.70 -18.15
CA VAL A 35 23.02 5.67 -17.18
C VAL A 35 23.33 6.10 -15.75
N PRO A 36 22.36 6.74 -15.07
CA PRO A 36 22.54 7.19 -13.69
C PRO A 36 22.46 6.03 -12.70
N THR A 37 23.41 5.97 -11.77
CA THR A 37 23.44 4.89 -10.79
C THR A 37 22.98 5.37 -9.41
N HIS A 38 23.60 6.42 -8.91
CA HIS A 38 23.25 6.95 -7.59
C HIS A 38 22.18 8.03 -7.68
N TYR A 39 21.32 8.05 -6.67
CA TYR A 39 20.23 9.01 -6.59
C TYR A 39 20.17 9.67 -5.22
N THR A 40 19.29 10.66 -5.08
CA THR A 40 19.12 11.35 -3.81
C THR A 40 17.65 11.62 -3.56
N LEU A 41 17.08 10.85 -2.65
CA LEU A 41 15.68 10.99 -2.30
C LEU A 41 15.48 12.21 -1.41
N LEU A 42 14.91 13.28 -1.96
CA LEU A 42 14.65 14.47 -1.15
C LEU A 42 13.15 14.58 -0.89
N TYR A 43 12.78 14.91 0.35
CA TYR A 43 11.35 14.97 0.71
C TYR A 43 10.99 16.14 1.63
N THR A 44 9.71 16.53 1.60
CA THR A 44 9.18 17.59 2.46
C THR A 44 7.66 17.47 2.58
N ILE A 45 7.03 18.45 3.22
CA ILE A 45 5.57 18.46 3.40
C ILE A 45 4.94 19.67 2.72
N MET A 46 3.94 19.40 1.89
CA MET A 46 3.25 20.44 1.11
C MET A 46 3.11 21.76 1.87
N SER A 47 2.74 21.70 3.15
CA SER A 47 2.56 22.92 3.94
C SER A 47 3.89 23.67 4.08
N LYS A 48 4.98 22.92 4.07
CA LYS A 48 6.32 23.49 4.18
C LYS A 48 7.24 22.90 3.11
N PRO A 49 7.10 23.33 1.85
CA PRO A 49 7.92 22.83 0.75
C PRO A 49 9.36 23.32 0.81
N GLU A 50 9.61 24.21 1.73
CA GLU A 50 10.95 24.78 1.92
C GLU A 50 11.76 23.95 2.90
N ASP A 51 11.16 22.89 3.44
CA ASP A 51 11.84 22.04 4.40
C ASP A 51 12.10 20.64 3.82
N LEU A 52 12.79 20.60 2.68
CA LEU A 52 13.12 19.33 2.03
C LEU A 52 14.41 18.77 2.60
N LYS A 53 14.49 17.44 2.69
CA LYS A 53 15.67 16.79 3.23
C LYS A 53 16.17 15.64 2.38
N VAL A 54 17.48 15.63 2.18
CA VAL A 54 18.11 14.55 1.46
C VAL A 54 18.31 13.45 2.51
N VAL A 55 17.37 12.54 2.58
CA VAL A 55 17.41 11.49 3.58
C VAL A 55 18.71 10.71 3.58
N LYS A 56 19.25 10.46 4.77
CA LYS A 56 20.48 9.72 4.92
C LYS A 56 20.33 8.31 4.34
N ASN A 57 21.34 7.87 3.61
CA ASN A 57 21.33 6.55 2.98
C ASN A 57 20.51 6.56 1.69
N CYS A 58 19.80 7.66 1.43
CA CYS A 58 18.98 7.77 0.23
C CYS A 58 19.55 8.85 -0.70
N ALA A 59 20.66 9.47 -0.30
CA ALA A 59 21.35 10.46 -1.11
C ALA A 59 22.37 9.72 -1.95
N ASN A 60 22.77 10.27 -3.10
CA ASN A 60 23.75 9.56 -3.96
C ASN A 60 23.86 8.14 -3.47
N THR A 61 22.83 7.38 -3.81
CA THR A 61 22.71 6.01 -3.46
C THR A 61 22.52 5.23 -4.74
N THR A 62 23.27 4.17 -4.92
CA THR A 62 23.12 3.41 -6.13
C THR A 62 22.15 2.28 -5.86
N ARG A 63 20.98 2.76 -5.55
CA ARG A 63 19.80 1.98 -5.23
C ARG A 63 18.61 2.77 -5.75
N SER A 64 17.39 2.23 -5.66
CA SER A 64 16.25 3.00 -6.14
C SER A 64 15.23 3.28 -5.03
N PHE A 65 14.54 2.24 -4.58
CA PHE A 65 13.51 2.40 -3.55
C PHE A 65 14.07 2.77 -2.17
N CYS A 66 13.74 3.98 -1.74
CA CYS A 66 14.17 4.48 -0.44
C CYS A 66 13.04 4.29 0.57
N ASP A 67 13.41 4.03 1.83
CA ASP A 67 12.41 3.80 2.88
C ASP A 67 12.21 5.02 3.76
N LEU A 68 11.18 4.97 4.59
CA LEU A 68 10.83 6.07 5.49
C LEU A 68 9.73 5.65 6.46
N THR A 69 10.09 5.08 7.60
CA THR A 69 9.07 4.66 8.55
C THR A 69 8.67 5.81 9.47
N ASP A 70 9.68 6.47 10.04
CA ASP A 70 9.43 7.60 10.94
C ASP A 70 9.86 8.92 10.29
N GLU A 71 10.12 8.89 8.99
CA GLU A 71 10.54 10.08 8.27
C GLU A 71 9.33 10.80 7.66
N TRP A 72 8.22 10.09 7.49
CA TRP A 72 7.01 10.69 6.94
C TRP A 72 5.85 10.56 7.93
N ARG A 73 6.11 10.97 9.17
CA ARG A 73 5.12 10.91 10.24
C ARG A 73 3.97 11.89 10.01
N SER A 74 4.12 12.76 9.03
CA SER A 74 3.07 13.74 8.71
C SER A 74 1.96 13.08 7.90
N THR A 75 1.39 12.02 8.45
CA THR A 75 0.32 11.29 7.79
C THR A 75 -0.83 12.22 7.41
N HIS A 76 -0.95 13.33 8.12
CA HIS A 76 -1.99 14.30 7.85
C HIS A 76 -1.49 15.38 6.89
N GLU A 77 -0.51 15.01 6.06
CA GLU A 77 0.06 15.94 5.10
C GLU A 77 0.41 15.22 3.82
N ALA A 78 0.67 16.01 2.79
CA ALA A 78 1.06 15.48 1.51
C ALA A 78 2.57 15.59 1.38
N TYR A 79 3.26 14.51 1.73
CA TYR A 79 4.71 14.51 1.70
C TYR A 79 5.25 14.80 0.32
N VAL A 80 5.43 16.08 0.03
CA VAL A 80 5.99 16.47 -1.25
C VAL A 80 7.42 16.01 -1.28
N THR A 81 7.78 15.27 -2.31
CA THR A 81 9.14 14.73 -2.41
C THR A 81 9.80 15.14 -3.71
N VAL A 82 11.08 15.50 -3.61
CA VAL A 82 11.87 15.88 -4.78
C VAL A 82 13.04 14.92 -4.89
N LEU A 83 12.93 13.93 -5.76
CA LEU A 83 14.03 13.00 -5.89
C LEU A 83 14.98 13.49 -6.98
N GLU A 84 16.14 13.94 -6.55
CA GLU A 84 17.14 14.46 -7.47
C GLU A 84 18.20 13.39 -7.75
N GLY A 85 18.24 12.94 -8.99
CA GLY A 85 19.20 11.92 -9.36
C GLY A 85 20.28 12.44 -10.28
N PHE A 86 21.52 12.25 -9.86
CA PHE A 86 22.68 12.69 -10.63
C PHE A 86 23.24 11.47 -11.37
N SER A 87 23.47 11.61 -12.67
CA SER A 87 23.99 10.51 -13.44
C SER A 87 25.50 10.39 -13.22
N GLY A 88 25.89 9.46 -12.34
CA GLY A 88 27.29 9.28 -12.05
C GLY A 88 27.82 10.36 -11.12
N ASN A 89 28.34 11.44 -11.70
CA ASN A 89 28.86 12.56 -10.91
C ASN A 89 28.14 13.87 -11.26
N THR A 90 27.29 13.82 -12.28
CA THR A 90 26.55 15.00 -12.73
C THR A 90 25.06 14.91 -12.42
N THR A 91 24.43 16.06 -12.24
CA THR A 91 22.99 16.07 -12.03
C THR A 91 22.30 15.90 -13.36
N LEU A 92 21.46 14.91 -13.38
CA LEU A 92 20.74 14.54 -14.59
C LEU A 92 19.26 14.85 -14.47
N PHE A 93 18.78 14.99 -13.23
CA PHE A 93 17.37 15.28 -13.03
C PHE A 93 17.05 15.66 -11.59
N SER A 94 15.85 16.18 -11.41
CA SER A 94 15.32 16.63 -10.12
C SER A 94 13.81 16.69 -10.26
N CYS A 95 13.11 15.64 -9.86
CA CYS A 95 11.66 15.62 -9.99
C CYS A 95 11.00 15.57 -8.63
N SER A 96 9.80 16.13 -8.53
CA SER A 96 9.07 16.14 -7.28
C SER A 96 7.65 15.64 -7.47
N HIS A 97 6.98 15.39 -6.35
CA HIS A 97 5.60 14.90 -6.38
C HIS A 97 4.96 15.04 -5.00
N ASN A 98 3.72 15.52 -4.97
CA ASN A 98 3.00 15.69 -3.71
C ASN A 98 2.38 14.37 -3.26
N PHE A 99 3.09 13.66 -2.39
CA PHE A 99 2.60 12.38 -1.89
C PHE A 99 1.41 12.59 -0.96
N TRP A 100 0.25 12.12 -1.38
CA TRP A 100 -0.95 12.22 -0.56
C TRP A 100 -1.12 10.96 0.27
N LEU A 101 -0.41 10.86 1.39
CA LEU A 101 -0.52 9.68 2.24
C LEU A 101 -1.90 9.61 2.85
N ALA A 102 -2.22 10.60 3.68
CA ALA A 102 -3.51 10.68 4.36
C ALA A 102 -4.64 10.27 3.41
N ILE A 103 -4.48 10.56 2.13
CA ILE A 103 -5.50 10.24 1.13
C ILE A 103 -5.15 8.97 0.32
N ASP A 104 -3.86 8.64 0.25
CA ASP A 104 -3.43 7.46 -0.53
C ASP A 104 -3.13 6.26 0.36
N MET A 105 -2.27 6.46 1.35
CA MET A 105 -1.89 5.37 2.27
C MET A 105 -1.97 4.00 1.59
N SER A 106 -0.87 3.58 0.94
CA SER A 106 -0.85 2.30 0.26
C SER A 106 -0.44 1.18 1.20
N PHE A 107 -1.38 0.29 1.51
CA PHE A 107 -1.12 -0.83 2.39
C PHE A 107 -1.22 -2.15 1.62
N GLU A 108 -0.22 -3.00 1.75
CA GLU A 108 -0.22 -4.28 1.04
C GLU A 108 0.70 -5.32 1.69
N PRO A 109 1.99 -5.01 1.82
CA PRO A 109 2.99 -5.92 2.41
C PRO A 109 2.46 -6.79 3.55
N PRO A 110 1.74 -6.20 4.54
CA PRO A 110 1.19 -6.96 5.68
C PRO A 110 0.78 -8.38 5.32
N GLU A 111 0.80 -9.27 6.31
CA GLU A 111 0.40 -10.66 6.10
C GLU A 111 -1.11 -10.78 6.27
N PHE A 112 -1.72 -11.74 5.58
CA PHE A 112 -3.15 -11.94 5.68
C PHE A 112 -3.59 -13.28 5.12
N GLU A 113 -4.46 -13.92 5.86
CA GLU A 113 -5.01 -15.22 5.49
C GLU A 113 -6.47 -15.27 5.83
N ILE A 114 -7.10 -16.28 5.31
CA ILE A 114 -8.51 -16.47 5.52
C ILE A 114 -8.83 -17.95 5.46
N VAL A 115 -9.29 -18.47 6.57
CA VAL A 115 -9.68 -19.86 6.64
C VAL A 115 -11.18 -19.93 6.56
N GLY A 116 -11.69 -20.74 5.65
CA GLY A 116 -13.13 -20.83 5.48
C GLY A 116 -13.73 -22.10 6.03
N PHE A 117 -14.77 -21.94 6.83
CA PHE A 117 -15.46 -23.06 7.41
C PHE A 117 -16.69 -23.38 6.56
N THR A 118 -17.13 -24.63 6.61
CA THR A 118 -18.28 -25.06 5.83
C THR A 118 -19.41 -24.02 5.81
N ASN A 119 -19.66 -23.38 6.96
CA ASN A 119 -20.76 -22.41 7.07
C ASN A 119 -20.31 -21.00 7.50
N HIS A 120 -19.01 -20.69 7.44
CA HIS A 120 -18.54 -19.36 7.82
C HIS A 120 -17.15 -19.07 7.27
N ILE A 121 -16.71 -17.83 7.46
CA ILE A 121 -15.40 -17.39 7.00
C ILE A 121 -14.55 -16.91 8.17
N ASN A 122 -13.30 -17.29 8.17
CA ASN A 122 -12.36 -16.86 9.20
C ASN A 122 -11.25 -16.05 8.56
N VAL A 123 -11.38 -14.74 8.61
CA VAL A 123 -10.39 -13.85 8.01
C VAL A 123 -9.44 -13.32 9.07
N MET A 124 -8.15 -13.34 8.75
CA MET A 124 -7.14 -12.83 9.67
C MET A 124 -6.15 -11.94 8.95
N VAL A 125 -6.18 -10.67 9.26
CA VAL A 125 -5.27 -9.72 8.64
C VAL A 125 -4.13 -9.44 9.58
N LYS A 126 -2.95 -9.86 9.18
CA LYS A 126 -1.78 -9.75 10.03
C LYS A 126 -1.03 -8.42 9.91
N PHE A 127 -1.48 -7.44 10.70
CA PHE A 127 -0.83 -6.13 10.78
C PHE A 127 0.25 -6.21 11.86
N PRO A 128 1.31 -5.42 11.75
CA PRO A 128 2.40 -5.41 12.74
C PRO A 128 1.89 -5.24 14.17
N SER A 129 2.67 -5.71 15.12
CA SER A 129 2.32 -5.59 16.53
C SER A 129 2.58 -4.16 17.00
N ILE A 130 1.51 -3.37 17.06
CA ILE A 130 1.62 -1.98 17.48
C ILE A 130 0.47 -1.58 18.40
N VAL A 131 0.75 -0.73 19.37
CA VAL A 131 -0.29 -0.27 20.29
C VAL A 131 -0.89 1.04 19.80
N GLU A 132 -2.01 0.93 19.10
CA GLU A 132 -2.71 2.10 18.53
C GLU A 132 -2.73 3.28 19.50
N GLU A 133 -2.66 2.99 20.79
CA GLU A 133 -2.66 4.03 21.83
C GLU A 133 -1.51 5.02 21.61
N GLU A 134 -0.60 4.68 20.71
CA GLU A 134 0.53 5.52 20.36
C GLU A 134 0.65 5.60 18.83
N LEU A 135 -0.48 5.43 18.17
CA LEU A 135 -0.56 5.46 16.72
C LEU A 135 -1.16 6.78 16.24
N GLN A 136 -0.45 7.48 15.36
CA GLN A 136 -0.91 8.76 14.84
C GLN A 136 -1.84 8.57 13.63
N PHE A 137 -2.15 7.33 13.32
CA PHE A 137 -3.02 7.01 12.18
C PHE A 137 -4.47 7.33 12.48
N ASP A 138 -5.29 7.28 11.44
CA ASP A 138 -6.72 7.54 11.53
C ASP A 138 -7.41 6.86 10.35
N LEU A 139 -6.86 5.71 9.98
CA LEU A 139 -7.37 4.93 8.85
C LEU A 139 -8.02 3.64 9.30
N SER A 140 -8.90 3.11 8.46
CA SER A 140 -9.56 1.85 8.75
C SER A 140 -9.07 0.79 7.79
N LEU A 141 -9.60 -0.41 7.94
CA LEU A 141 -9.26 -1.50 7.06
C LEU A 141 -10.52 -2.03 6.44
N VAL A 142 -10.42 -2.48 5.21
CA VAL A 142 -11.57 -2.98 4.49
C VAL A 142 -11.36 -4.43 4.06
N ILE A 143 -12.12 -5.31 4.68
CA ILE A 143 -12.07 -6.73 4.36
C ILE A 143 -13.08 -7.03 3.26
N GLU A 144 -12.61 -7.11 2.03
CA GLU A 144 -13.49 -7.37 0.89
C GLU A 144 -13.73 -8.88 0.72
N GLU A 145 -15.01 -9.28 0.76
CA GLU A 145 -15.37 -10.70 0.64
C GLU A 145 -15.97 -11.04 -0.73
N GLN A 146 -15.21 -11.78 -1.54
CA GLN A 146 -15.67 -12.17 -2.87
C GLN A 146 -15.95 -13.67 -2.92
N SER A 147 -16.99 -14.09 -2.20
CA SER A 147 -17.35 -15.51 -2.11
C SER A 147 -18.31 -15.98 -3.19
N GLU A 148 -17.94 -17.08 -3.83
CA GLU A 148 -18.74 -17.72 -4.87
C GLU A 148 -19.38 -16.71 -5.83
N GLY A 149 -18.60 -15.71 -6.25
CA GLY A 149 -19.12 -14.72 -7.19
C GLY A 149 -19.71 -13.48 -6.54
N ILE A 150 -19.91 -13.54 -5.22
CA ILE A 150 -20.46 -12.39 -4.50
C ILE A 150 -19.34 -11.52 -3.97
N VAL A 151 -19.33 -10.26 -4.40
CA VAL A 151 -18.30 -9.33 -3.97
C VAL A 151 -18.82 -8.44 -2.85
N LYS A 152 -18.00 -8.23 -1.83
CA LYS A 152 -18.38 -7.41 -0.70
C LYS A 152 -17.18 -6.64 -0.17
N LYS A 153 -17.45 -5.56 0.56
CA LYS A 153 -16.40 -4.74 1.14
C LYS A 153 -16.68 -4.48 2.61
N HIS A 154 -16.00 -5.22 3.46
CA HIS A 154 -16.15 -5.10 4.90
C HIS A 154 -15.20 -4.04 5.43
N LYS A 155 -15.62 -3.28 6.44
CA LYS A 155 -14.78 -2.24 7.00
C LYS A 155 -14.85 -2.25 8.52
N PRO A 156 -14.27 -3.28 9.14
CA PRO A 156 -14.27 -3.46 10.60
C PRO A 156 -13.53 -2.35 11.32
N GLU A 157 -13.96 -2.07 12.55
CA GLU A 157 -13.31 -1.04 13.35
C GLU A 157 -11.86 -1.43 13.62
N ILE A 158 -10.94 -0.61 13.16
CA ILE A 158 -9.52 -0.89 13.35
C ILE A 158 -8.99 -0.28 14.64
N LYS A 159 -9.88 0.07 15.56
CA LYS A 159 -9.48 0.65 16.83
C LYS A 159 -8.81 -0.40 17.70
N GLY A 160 -7.63 -0.84 17.25
CA GLY A 160 -6.89 -1.86 17.97
C GLY A 160 -6.87 -3.18 17.22
N ASN A 161 -7.23 -3.14 15.95
CA ASN A 161 -7.26 -4.34 15.11
C ASN A 161 -6.05 -4.39 14.17
N MET A 162 -5.42 -3.23 13.97
CA MET A 162 -4.25 -3.13 13.10
C MET A 162 -2.97 -3.30 13.93
N SER A 163 -2.99 -4.24 14.87
CA SER A 163 -1.84 -4.46 15.76
C SER A 163 -1.43 -5.92 15.86
N GLY A 164 -1.58 -6.69 14.78
CA GLY A 164 -1.20 -8.09 14.84
C GLY A 164 -2.08 -8.97 13.96
N ASN A 165 -2.57 -10.08 14.52
CA ASN A 165 -3.43 -10.99 13.77
C ASN A 165 -4.89 -10.55 13.78
N PHE A 166 -5.19 -9.53 12.97
CA PHE A 166 -6.56 -9.03 12.84
C PHE A 166 -7.49 -10.23 12.74
N THR A 167 -8.61 -10.19 13.45
CA THR A 167 -9.52 -11.33 13.44
C THR A 167 -10.94 -10.94 13.02
N TYR A 168 -11.30 -11.28 11.79
CA TYR A 168 -12.64 -10.99 11.27
C TYR A 168 -13.28 -12.28 10.76
N ILE A 169 -14.60 -12.42 10.96
CA ILE A 169 -15.30 -13.62 10.52
C ILE A 169 -16.47 -13.29 9.60
N ILE A 170 -16.36 -13.71 8.35
CA ILE A 170 -17.44 -13.50 7.38
C ILE A 170 -18.39 -14.68 7.44
N ASP A 171 -19.51 -14.45 8.07
CA ASP A 171 -20.52 -15.49 8.24
C ASP A 171 -21.77 -15.21 7.41
N LYS A 172 -22.84 -15.93 7.72
CA LYS A 172 -24.11 -15.77 6.99
C LYS A 172 -23.97 -16.22 5.55
N LEU A 173 -23.28 -17.35 5.35
CA LEU A 173 -23.07 -17.91 4.02
C LEU A 173 -23.40 -19.39 3.98
N ILE A 174 -23.68 -19.89 2.78
CA ILE A 174 -24.00 -21.30 2.60
C ILE A 174 -22.81 -22.07 2.06
N PRO A 175 -22.69 -23.36 2.40
CA PRO A 175 -21.58 -24.20 1.94
C PRO A 175 -21.15 -23.91 0.51
N ASN A 176 -19.90 -24.25 0.19
CA ASN A 176 -19.37 -24.02 -1.16
C ASN A 176 -19.31 -22.52 -1.47
N THR A 177 -18.42 -21.83 -0.75
CA THR A 177 -18.25 -20.39 -0.90
C THR A 177 -16.79 -20.00 -1.02
N ASN A 178 -16.21 -20.18 -2.21
CA ASN A 178 -14.81 -19.81 -2.39
C ASN A 178 -14.71 -18.30 -2.51
N TYR A 179 -14.16 -17.65 -1.49
CA TYR A 179 -14.08 -16.19 -1.49
C TYR A 179 -12.67 -15.66 -1.56
N CYS A 180 -12.50 -14.64 -2.40
CA CYS A 180 -11.24 -13.96 -2.50
C CYS A 180 -11.30 -12.76 -1.55
N VAL A 181 -10.59 -12.86 -0.45
CA VAL A 181 -10.61 -11.80 0.56
C VAL A 181 -9.43 -10.86 0.39
N SER A 182 -9.73 -9.59 0.12
CA SER A 182 -8.70 -8.59 -0.03
C SER A 182 -8.59 -7.78 1.25
N VAL A 183 -7.50 -7.06 1.39
CA VAL A 183 -7.26 -6.26 2.57
C VAL A 183 -6.87 -4.84 2.21
N TYR A 184 -7.84 -4.04 1.82
CA TYR A 184 -7.56 -2.66 1.46
C TYR A 184 -8.10 -1.69 2.51
N LEU A 185 -7.38 -0.60 2.76
CA LEU A 185 -7.78 0.38 3.76
C LEU A 185 -8.68 1.46 3.18
N GLU A 186 -9.31 2.22 4.05
CA GLU A 186 -10.20 3.30 3.64
C GLU A 186 -10.09 4.49 4.58
N HIS A 187 -9.78 5.66 4.03
CA HIS A 187 -9.65 6.87 4.82
C HIS A 187 -10.97 7.65 4.84
N SER A 188 -11.54 7.86 3.66
CA SER A 188 -12.81 8.58 3.54
C SER A 188 -13.21 8.72 2.09
N ASP A 189 -13.01 7.67 1.30
CA ASP A 189 -13.35 7.68 -0.11
C ASP A 189 -13.30 6.28 -0.71
N GLU A 190 -13.89 6.13 -1.90
CA GLU A 190 -13.91 4.86 -2.59
C GLU A 190 -12.83 4.82 -3.68
N GLN A 191 -11.78 5.60 -3.48
CA GLN A 191 -10.69 5.66 -4.43
C GLN A 191 -9.37 5.24 -3.78
N ALA A 192 -9.40 5.06 -2.45
CA ALA A 192 -8.24 4.59 -1.71
C ALA A 192 -8.30 3.08 -1.53
N VAL A 193 -8.67 2.37 -2.58
CA VAL A 193 -8.80 0.92 -2.49
C VAL A 193 -7.52 0.17 -2.80
N ILE A 194 -6.70 0.01 -1.79
CA ILE A 194 -5.46 -0.74 -1.90
C ILE A 194 -5.78 -2.22 -1.76
N LYS A 195 -6.61 -2.70 -2.68
CA LYS A 195 -7.04 -4.10 -2.68
C LYS A 195 -5.91 -5.02 -3.10
N SER A 196 -5.23 -5.58 -2.10
CA SER A 196 -4.10 -6.47 -2.34
C SER A 196 -4.59 -7.77 -2.97
N PRO A 197 -3.68 -8.56 -3.56
CA PRO A 197 -4.05 -9.84 -4.17
C PRO A 197 -4.87 -10.68 -3.21
N LEU A 198 -6.16 -10.78 -3.49
CA LEU A 198 -7.06 -11.52 -2.63
C LEU A 198 -6.57 -12.88 -2.26
N LYS A 199 -7.35 -13.47 -1.39
CA LYS A 199 -7.14 -14.82 -0.91
C LYS A 199 -8.43 -15.59 -1.14
N CYS A 200 -8.42 -16.52 -2.07
CA CYS A 200 -9.63 -17.27 -2.38
C CYS A 200 -9.73 -18.57 -1.60
N THR A 201 -10.11 -18.48 -0.31
CA THR A 201 -10.25 -19.66 0.53
C THR A 201 -11.68 -20.19 0.49
N LEU A 202 -11.83 -21.45 0.09
CA LEU A 202 -13.14 -22.07 0.00
C LEU A 202 -13.49 -22.86 1.27
N LEU A 203 -14.74 -23.28 1.40
CA LEU A 203 -15.24 -24.05 2.53
C LEU A 203 -15.67 -25.39 2.01
N PRO A 204 -15.86 -26.42 2.86
CA PRO A 204 -16.32 -27.71 2.37
C PRO A 204 -17.62 -27.48 1.62
N PRO A 205 -17.56 -27.51 0.28
CA PRO A 205 -18.74 -27.25 -0.52
C PRO A 205 -19.81 -28.29 -0.31
N GLY A 206 -20.95 -27.82 0.15
CA GLY A 206 -22.07 -28.69 0.46
C GLY A 206 -22.88 -29.08 -0.76
N GLN A 207 -22.24 -29.08 -1.93
CA GLN A 207 -22.93 -29.43 -3.17
C GLN A 207 -22.79 -30.92 -3.47
N GLU A 208 -22.84 -31.74 -2.42
CA GLU A 208 -22.72 -33.19 -2.58
C GLU A 208 -24.01 -33.77 -3.16
N SER A 209 -24.22 -35.08 -2.96
CA SER A 209 -25.41 -35.74 -3.46
C SER A 209 -26.68 -35.09 -2.92
N GLU A 210 -27.80 -35.77 -3.08
CA GLU A 210 -29.08 -35.25 -2.62
C GLU A 210 -30.06 -36.39 -2.32
N PHE A 211 -30.40 -36.54 -1.04
CA PHE A 211 -31.32 -37.59 -0.62
C PHE A 211 -32.33 -37.05 0.39
N SER A 212 -33.06 -37.96 1.04
CA SER A 212 -34.05 -37.56 2.03
C SER A 212 -33.41 -36.78 3.16
#